data_8KHH
#
_entry.id   8KHH
#
_cell.length_a   138.727
_cell.length_b   58.621
_cell.length_c   57.182
_cell.angle_alpha   90.000
_cell.angle_beta   96.675
_cell.angle_gamma   90.000
#
_symmetry.space_group_name_H-M   'C 1 2 1'
#
loop_
_entity.id
_entity.type
_entity.pdbx_description
1 polymer 'RNA (71-MER)'
2 non-polymer GUANOSINE
3 non-polymer 'SODIUM ION'
4 water water
#
_entity_poly.entity_id   1
_entity_poly.type   'polyribonucleotide'
_entity_poly.pdbx_seq_one_letter_code
;GGAUUCGUAUAUCCUUAAUGAUAUGGUUUAAGGGCAAUACAUAGAGACCACAAAUUUCUUACUGCGAAUUC
;
_entity_poly.pdbx_strand_id   A,B
#